data_1BU8
#
_entry.id   1BU8
#
_cell.length_a   57.393
_cell.length_b   79.133
_cell.length_c   60.940
_cell.angle_alpha   90.00
_cell.angle_beta   102.07
_cell.angle_gamma   90.00
#
_symmetry.space_group_name_H-M   'P 1 21 1'
#
loop_
_entity.id
_entity.type
_entity.pdbx_description
1 polymer 'PROTEIN (PANCREATIC LIPASE RELATED PROTEIN 2)'
2 non-polymer 2-acetamido-2-deoxy-beta-D-glucopyranose
3 water water
#
_entity_poly.entity_id   1
_entity_poly.type   'polypeptide(L)'
_entity_poly.pdbx_seq_one_letter_code
;KEVCYGHLGCFSNDKPWAGMLQRPLKIFPWSPEDIDTRFLLYTNENPNNYQKISATEPDTIKFSNFQLDRKTRFIVHGFI
DKGEDGWLLDMCKKMFQVEKVNCICVDWRRGSRTEYTQASYNTRVVGAEIAFLVQVLSTEMGYSPENVHLIGHSLGAHVV
GEAGRRLEGHVGRITGLDPAEPCFQGLPEEVRLDPSDAMFVDVIHTDSAPIIPYLGFGMSQKVGHLDFFPNGGKEMPGCQ
KNILSTIVDINGIWEGTQNFVACNHLRSYKYYASSILNPDGFLGYPCSSYEKFQQNDCFPCPEEGCPKMGHYADQFEGKT
ATVEQTVYLNTGDSGNFTRWRYKVSVTLSGAKKLSGYILVALYGNNGNSKQYEIFKGSLKPEARHVRDIDVDINVGEIQK
VKFLWNNKVINLFRPTLGASQITVQSGVDGKEYNFCSSDTVREDVLQSLYPC
;
_entity_poly.pdbx_strand_id   A
#
# COMPACT_ATOMS: atom_id res chain seq x y z
N LYS A 1 27.31 15.20 -19.67
CA LYS A 1 26.82 15.45 -21.06
C LYS A 1 25.30 15.33 -20.98
N GLU A 2 24.62 15.62 -22.09
CA GLU A 2 23.16 15.51 -22.10
C GLU A 2 22.61 15.28 -23.49
N VAL A 3 21.50 14.54 -23.55
CA VAL A 3 20.81 14.30 -24.80
C VAL A 3 19.52 15.13 -24.68
N CYS A 4 19.13 15.81 -25.75
CA CYS A 4 17.92 16.63 -25.69
C CYS A 4 16.87 16.05 -26.61
N TYR A 5 15.66 15.92 -26.08
CA TYR A 5 14.56 15.35 -26.86
C TYR A 5 13.41 16.33 -27.06
N GLY A 6 13.67 17.37 -27.85
CA GLY A 6 12.67 18.36 -28.15
C GLY A 6 11.90 18.96 -27.00
N HIS A 7 10.57 18.81 -27.05
CA HIS A 7 9.69 19.38 -26.01
C HIS A 7 9.78 18.72 -24.64
N LEU A 8 10.50 17.61 -24.56
CA LEU A 8 10.66 16.91 -23.29
C LEU A 8 11.94 17.32 -22.60
N GLY A 9 12.62 18.31 -23.19
CA GLY A 9 13.86 18.82 -22.61
C GLY A 9 15.08 17.95 -22.77
N CYS A 10 16.09 18.24 -21.97
CA CYS A 10 17.34 17.51 -22.01
C CYS A 10 17.52 16.60 -20.80
N PHE A 11 18.30 15.55 -21.00
CA PHE A 11 18.56 14.56 -19.98
C PHE A 11 20.07 14.38 -19.81
N SER A 12 20.58 14.91 -18.70
CA SER A 12 21.99 14.87 -18.35
C SER A 12 22.40 13.51 -17.78
N ASN A 13 23.68 13.17 -17.90
CA ASN A 13 24.17 11.89 -17.38
C ASN A 13 25.20 12.06 -16.26
N ASP A 14 25.37 13.27 -15.77
CA ASP A 14 26.30 13.48 -14.68
C ASP A 14 25.57 13.40 -13.34
N LYS A 15 26.32 13.44 -12.25
CA LYS A 15 25.76 13.36 -10.91
C LYS A 15 24.61 14.34 -10.73
N PRO A 16 23.52 13.90 -10.08
CA PRO A 16 23.30 12.55 -9.51
C PRO A 16 22.52 11.59 -10.41
N TRP A 17 22.32 11.98 -11.66
CA TRP A 17 21.57 11.15 -12.59
C TRP A 17 22.23 9.84 -12.99
N ALA A 18 23.56 9.83 -12.98
CA ALA A 18 24.31 8.64 -13.34
C ALA A 18 25.73 8.82 -12.79
N GLY A 19 26.50 7.74 -12.78
CA GLY A 19 27.85 7.82 -12.27
C GLY A 19 27.87 7.91 -10.75
N MET A 20 26.96 7.19 -10.12
CA MET A 20 26.85 7.15 -8.66
C MET A 20 26.99 5.68 -8.27
N LEU A 21 27.17 5.43 -6.97
CA LEU A 21 27.32 4.07 -6.48
C LEU A 21 26.14 3.16 -6.86
N GLN A 22 24.93 3.70 -6.78
CA GLN A 22 23.72 2.94 -7.10
C GLN A 22 23.47 2.77 -8.60
N ARG A 23 24.10 3.63 -9.38
CA ARG A 23 23.96 3.62 -10.84
C ARG A 23 25.25 4.21 -11.44
N PRO A 24 26.27 3.36 -11.59
CA PRO A 24 27.57 3.77 -12.14
C PRO A 24 27.58 4.06 -13.65
N LEU A 25 26.86 3.26 -14.43
CA LEU A 25 26.79 3.42 -15.88
C LEU A 25 26.35 4.82 -16.29
N LYS A 26 27.14 5.49 -17.13
CA LYS A 26 26.79 6.83 -17.56
C LYS A 26 26.04 6.91 -18.90
N ILE A 27 25.28 5.87 -19.22
CA ILE A 27 24.49 5.87 -20.45
C ILE A 27 23.33 6.87 -20.30
N PHE A 28 22.61 7.12 -21.39
CA PHE A 28 21.49 8.06 -21.38
C PHE A 28 20.16 7.35 -21.55
N PRO A 29 19.05 8.02 -21.17
CA PRO A 29 17.73 7.39 -21.35
C PRO A 29 17.50 7.28 -22.87
N TRP A 30 16.71 6.31 -23.30
CA TRP A 30 16.38 6.13 -24.71
C TRP A 30 15.53 7.32 -25.17
N SER A 31 15.28 7.41 -26.47
CA SER A 31 14.47 8.50 -27.03
C SER A 31 13.00 8.22 -26.74
N PRO A 32 12.17 9.28 -26.72
CA PRO A 32 10.74 9.09 -26.45
C PRO A 32 10.16 8.13 -27.47
N GLU A 33 10.69 8.20 -28.70
CA GLU A 33 10.24 7.35 -29.79
C GLU A 33 10.54 5.88 -29.51
N ASP A 34 11.73 5.61 -29.00
CA ASP A 34 12.11 4.22 -28.69
C ASP A 34 11.43 3.63 -27.46
N ILE A 35 11.02 4.49 -26.52
CA ILE A 35 10.32 4.04 -25.32
C ILE A 35 8.85 3.82 -25.68
N ASP A 36 8.34 4.67 -26.56
CA ASP A 36 6.96 4.61 -27.06
C ASP A 36 5.91 4.64 -25.94
N THR A 37 5.97 5.67 -25.10
CA THR A 37 5.01 5.82 -24.01
C THR A 37 3.61 5.97 -24.63
N ARG A 38 2.66 5.23 -24.11
CA ARG A 38 1.30 5.28 -24.62
C ARG A 38 0.36 5.61 -23.46
N PHE A 39 -0.48 6.61 -23.66
CA PHE A 39 -1.46 7.01 -22.64
C PHE A 39 -2.79 6.46 -23.10
N LEU A 40 -3.24 5.41 -22.42
CA LEU A 40 -4.48 4.75 -22.77
C LEU A 40 -5.63 5.16 -21.86
N LEU A 41 -6.50 6.03 -22.36
CA LEU A 41 -7.62 6.50 -21.57
C LEU A 41 -8.84 5.59 -21.53
N TYR A 42 -9.31 5.35 -20.32
CA TYR A 42 -10.49 4.54 -20.08
C TYR A 42 -11.33 5.45 -19.19
N THR A 43 -12.65 5.42 -19.38
CA THR A 43 -13.58 6.20 -18.57
C THR A 43 -14.74 5.27 -18.31
N ASN A 44 -15.59 5.66 -17.35
CA ASN A 44 -16.75 4.86 -16.99
C ASN A 44 -17.55 4.47 -18.23
N GLU A 45 -17.63 5.37 -19.19
CA GLU A 45 -18.35 5.14 -20.45
C GLU A 45 -17.61 4.23 -21.42
N ASN A 46 -16.28 4.32 -21.43
CA ASN A 46 -15.46 3.46 -22.29
C ASN A 46 -14.48 2.65 -21.42
N PRO A 47 -14.99 1.66 -20.67
CA PRO A 47 -14.18 0.83 -19.79
C PRO A 47 -13.48 -0.38 -20.43
N ASN A 48 -13.89 -0.77 -21.63
CA ASN A 48 -13.30 -1.93 -22.31
C ASN A 48 -12.23 -1.59 -23.36
N ASN A 49 -12.50 -0.56 -24.16
CA ASN A 49 -11.58 -0.13 -25.21
C ASN A 49 -11.01 1.22 -24.85
N TYR A 50 -9.70 1.38 -24.99
CA TYR A 50 -9.06 2.64 -24.66
C TYR A 50 -9.18 3.66 -25.77
N GLN A 51 -8.83 4.90 -25.42
CA GLN A 51 -8.82 6.00 -26.36
C GLN A 51 -7.43 6.59 -26.19
N LYS A 52 -6.55 6.33 -27.15
CA LYS A 52 -5.19 6.83 -27.05
C LYS A 52 -5.16 8.34 -27.11
N ILE A 53 -4.52 8.95 -26.11
CA ILE A 53 -4.43 10.40 -26.06
C ILE A 53 -2.98 10.85 -26.16
N SER A 54 -2.78 11.98 -26.83
CA SER A 54 -1.46 12.52 -27.03
C SER A 54 -1.42 14.01 -26.73
N ALA A 55 -0.42 14.40 -25.95
CA ALA A 55 -0.25 15.79 -25.57
C ALA A 55 0.15 16.66 -26.77
N THR A 56 0.85 16.06 -27.74
CA THR A 56 1.30 16.78 -28.93
C THR A 56 0.19 16.95 -29.97
N GLU A 57 -0.87 16.15 -29.86
CA GLU A 57 -2.03 16.20 -30.76
C GLU A 57 -3.29 16.38 -29.89
N PRO A 58 -3.51 17.59 -29.35
CA PRO A 58 -4.66 17.93 -28.50
C PRO A 58 -6.05 17.43 -28.92
N ASP A 59 -6.25 17.23 -30.22
CA ASP A 59 -7.54 16.74 -30.72
C ASP A 59 -7.88 15.35 -30.19
N THR A 60 -6.87 14.53 -29.92
CA THR A 60 -7.11 13.19 -29.39
C THR A 60 -7.83 13.31 -28.05
N ILE A 61 -7.50 14.36 -27.30
CA ILE A 61 -8.11 14.61 -26.00
C ILE A 61 -9.49 15.24 -26.21
N LYS A 62 -9.54 16.26 -27.07
CA LYS A 62 -10.78 16.97 -27.36
C LYS A 62 -11.87 16.02 -27.85
N PHE A 63 -11.50 15.05 -28.69
CA PHE A 63 -12.47 14.10 -29.23
C PHE A 63 -12.69 12.86 -28.36
N SER A 64 -11.97 12.77 -27.24
CA SER A 64 -12.11 11.62 -26.36
C SER A 64 -13.23 11.87 -25.36
N ASN A 65 -13.47 10.89 -24.50
CA ASN A 65 -14.50 11.00 -23.47
C ASN A 65 -13.92 11.53 -22.16
N PHE A 66 -12.76 12.19 -22.25
CA PHE A 66 -12.09 12.76 -21.08
C PHE A 66 -13.01 13.87 -20.54
N GLN A 67 -13.36 13.78 -19.26
CA GLN A 67 -14.24 14.76 -18.64
C GLN A 67 -13.45 15.73 -17.77
N LEU A 68 -13.52 17.00 -18.12
CA LEU A 68 -12.82 18.05 -17.37
C LEU A 68 -13.40 18.27 -15.98
N ASP A 69 -14.57 17.72 -15.71
CA ASP A 69 -15.20 17.89 -14.39
C ASP A 69 -15.07 16.63 -13.52
N ARG A 70 -14.11 15.79 -13.88
CA ARG A 70 -13.84 14.55 -13.16
C ARG A 70 -12.35 14.50 -12.84
N LYS A 71 -12.00 13.80 -11.76
CA LYS A 71 -10.60 13.65 -11.37
C LYS A 71 -9.91 12.73 -12.37
N THR A 72 -8.59 12.80 -12.42
CA THR A 72 -7.83 11.95 -13.34
C THR A 72 -6.77 11.16 -12.58
N ARG A 73 -6.73 9.85 -12.80
CA ARG A 73 -5.72 9.03 -12.13
C ARG A 73 -4.92 8.27 -13.17
N PHE A 74 -3.60 8.51 -13.18
CA PHE A 74 -2.70 7.81 -14.10
C PHE A 74 -2.24 6.56 -13.36
N ILE A 75 -2.14 5.43 -14.07
CA ILE A 75 -1.65 4.20 -13.46
C ILE A 75 -0.46 3.76 -14.31
N VAL A 76 0.71 3.68 -13.68
CA VAL A 76 1.95 3.36 -14.38
C VAL A 76 2.57 2.06 -13.86
N HIS A 77 2.89 1.15 -14.79
CA HIS A 77 3.48 -0.12 -14.42
C HIS A 77 4.99 -0.05 -14.22
N GLY A 78 5.53 -1.19 -13.85
CA GLY A 78 6.95 -1.36 -13.64
C GLY A 78 7.11 -2.83 -13.97
N PHE A 79 7.63 -3.60 -13.02
CA PHE A 79 7.80 -5.04 -13.22
C PHE A 79 6.44 -5.68 -13.54
N ILE A 80 6.37 -6.41 -14.66
CA ILE A 80 5.13 -7.07 -15.03
C ILE A 80 5.36 -8.58 -15.01
N ASP A 81 4.73 -9.23 -14.05
CA ASP A 81 4.84 -10.68 -13.90
C ASP A 81 3.97 -11.35 -14.95
N LYS A 82 4.28 -12.61 -15.25
CA LYS A 82 3.54 -13.37 -16.24
C LYS A 82 2.05 -13.41 -15.88
N GLY A 83 1.21 -13.02 -16.83
CA GLY A 83 -0.22 -13.03 -16.63
C GLY A 83 -0.80 -11.81 -15.92
N GLU A 84 0.04 -10.84 -15.56
CA GLU A 84 -0.42 -9.65 -14.87
C GLU A 84 -0.49 -8.43 -15.79
N ASP A 85 -0.39 -8.66 -17.08
CA ASP A 85 -0.41 -7.58 -18.07
C ASP A 85 -1.60 -6.65 -17.90
N GLY A 86 -2.76 -7.22 -17.58
CA GLY A 86 -3.97 -6.43 -17.42
C GLY A 86 -4.30 -5.92 -16.04
N TRP A 87 -3.31 -5.66 -15.19
CA TRP A 87 -3.63 -5.16 -13.86
C TRP A 87 -3.99 -3.68 -13.83
N LEU A 88 -3.48 -2.90 -14.79
CA LEU A 88 -3.78 -1.46 -14.83
C LEU A 88 -5.28 -1.27 -15.12
N LEU A 89 -5.75 -1.90 -16.18
CA LEU A 89 -7.15 -1.81 -16.58
C LEU A 89 -8.05 -2.42 -15.50
N ASP A 90 -7.60 -3.52 -14.90
CA ASP A 90 -8.39 -4.14 -13.83
C ASP A 90 -8.58 -3.09 -12.73
N MET A 91 -7.51 -2.36 -12.40
CA MET A 91 -7.58 -1.33 -11.37
C MET A 91 -8.54 -0.22 -11.78
N CYS A 92 -8.49 0.22 -13.03
CA CYS A 92 -9.40 1.25 -13.50
C CYS A 92 -10.85 0.80 -13.31
N LYS A 93 -11.15 -0.44 -13.67
CA LYS A 93 -12.51 -0.98 -13.56
C LYS A 93 -13.02 -1.00 -12.13
N LYS A 94 -12.14 -1.26 -11.16
CA LYS A 94 -12.56 -1.25 -9.77
C LYS A 94 -12.92 0.18 -9.38
N MET A 95 -12.12 1.14 -9.83
CA MET A 95 -12.38 2.56 -9.55
C MET A 95 -13.74 2.95 -10.15
N PHE A 96 -14.00 2.49 -11.37
CA PHE A 96 -15.26 2.80 -12.05
C PHE A 96 -16.47 2.37 -11.22
N GLN A 97 -16.30 1.33 -10.42
CA GLN A 97 -17.38 0.83 -9.57
C GLN A 97 -17.77 1.79 -8.46
N VAL A 98 -16.88 2.71 -8.10
CA VAL A 98 -17.16 3.63 -7.00
C VAL A 98 -17.04 5.13 -7.31
N GLU A 99 -16.54 5.49 -8.48
CA GLU A 99 -16.39 6.91 -8.80
C GLU A 99 -16.34 7.14 -10.30
N LYS A 100 -16.53 8.39 -10.70
CA LYS A 100 -16.46 8.79 -12.11
C LYS A 100 -15.03 9.30 -12.24
N VAL A 101 -14.26 8.72 -13.14
CA VAL A 101 -12.86 9.12 -13.26
C VAL A 101 -12.28 8.88 -14.64
N ASN A 102 -11.32 9.73 -15.00
CA ASN A 102 -10.57 9.61 -16.25
C ASN A 102 -9.40 8.74 -15.80
N CYS A 103 -9.40 7.48 -16.21
CA CYS A 103 -8.33 6.55 -15.83
C CYS A 103 -7.38 6.30 -17.00
N ILE A 104 -6.16 6.81 -16.87
CA ILE A 104 -5.16 6.69 -17.93
C ILE A 104 -4.08 5.68 -17.56
N CYS A 105 -4.05 4.56 -18.27
CA CYS A 105 -3.04 3.54 -18.07
C CYS A 105 -1.85 3.91 -18.93
N VAL A 106 -0.69 4.00 -18.30
CA VAL A 106 0.54 4.36 -18.99
C VAL A 106 1.30 3.10 -19.37
N ASP A 107 1.39 2.85 -20.67
CA ASP A 107 2.08 1.68 -21.19
C ASP A 107 3.42 2.17 -21.75
N TRP A 108 4.51 1.76 -21.10
CA TRP A 108 5.85 2.12 -21.57
C TRP A 108 6.70 0.86 -21.67
N ARG A 109 6.05 -0.24 -22.02
CA ARG A 109 6.69 -1.55 -22.11
C ARG A 109 7.90 -1.65 -23.03
N ARG A 110 7.89 -0.88 -24.12
CA ARG A 110 9.01 -0.93 -25.04
C ARG A 110 10.24 -0.33 -24.34
N GLY A 111 9.99 0.59 -23.41
CA GLY A 111 11.08 1.20 -22.68
C GLY A 111 11.46 0.47 -21.40
N SER A 112 10.54 -0.33 -20.87
CA SER A 112 10.82 -1.07 -19.63
C SER A 112 11.37 -2.47 -19.90
N ARG A 113 10.91 -3.10 -20.98
CA ARG A 113 11.35 -4.44 -21.36
C ARG A 113 12.75 -4.44 -21.97
N THR A 114 13.72 -4.00 -21.18
CA THR A 114 15.11 -3.94 -21.62
C THR A 114 15.98 -4.16 -20.37
N GLU A 115 17.29 -4.00 -20.49
CA GLU A 115 18.19 -4.19 -19.36
C GLU A 115 17.78 -3.24 -18.24
N TYR A 116 17.78 -3.72 -17.00
CA TYR A 116 17.35 -2.92 -15.86
C TYR A 116 17.86 -1.49 -15.73
N THR A 117 19.16 -1.28 -15.82
CA THR A 117 19.67 0.09 -15.69
C THR A 117 19.09 0.99 -16.78
N GLN A 118 18.92 0.44 -17.98
CA GLN A 118 18.38 1.20 -19.09
C GLN A 118 16.92 1.53 -18.79
N ALA A 119 16.17 0.54 -18.33
CA ALA A 119 14.76 0.76 -17.99
C ALA A 119 14.65 1.82 -16.91
N SER A 120 15.53 1.75 -15.90
CA SER A 120 15.55 2.72 -14.80
C SER A 120 15.78 4.13 -15.32
N TYR A 121 16.70 4.29 -16.26
CA TYR A 121 16.97 5.61 -16.82
C TYR A 121 15.81 6.05 -17.72
N ASN A 122 15.17 5.09 -18.37
CA ASN A 122 14.06 5.39 -19.27
C ASN A 122 12.88 5.97 -18.50
N THR A 123 12.81 5.71 -17.19
CA THR A 123 11.71 6.23 -16.36
C THR A 123 11.68 7.75 -16.45
N ARG A 124 12.86 8.35 -16.60
CA ARG A 124 12.96 9.81 -16.71
C ARG A 124 12.18 10.37 -17.88
N VAL A 125 12.25 9.69 -19.02
CA VAL A 125 11.53 10.13 -20.22
C VAL A 125 10.03 9.88 -20.09
N VAL A 126 9.65 8.74 -19.51
CA VAL A 126 8.24 8.45 -19.33
C VAL A 126 7.67 9.51 -18.39
N GLY A 127 8.45 9.85 -17.36
CA GLY A 127 8.04 10.88 -16.42
C GLY A 127 7.87 12.23 -17.12
N ALA A 128 8.75 12.53 -18.06
CA ALA A 128 8.64 13.78 -18.81
C ALA A 128 7.38 13.74 -19.67
N GLU A 129 7.04 12.56 -20.19
CA GLU A 129 5.85 12.41 -21.03
C GLU A 129 4.61 12.73 -20.21
N ILE A 130 4.54 12.18 -19.00
CA ILE A 130 3.40 12.45 -18.13
C ILE A 130 3.30 13.92 -17.76
N ALA A 131 4.41 14.51 -17.31
CA ALA A 131 4.43 15.92 -16.95
C ALA A 131 3.95 16.81 -18.09
N PHE A 132 4.36 16.48 -19.32
CA PHE A 132 3.96 17.26 -20.51
C PHE A 132 2.44 17.17 -20.74
N LEU A 133 1.88 15.96 -20.65
CA LEU A 133 0.44 15.80 -20.83
C LEU A 133 -0.31 16.61 -19.79
N VAL A 134 0.13 16.50 -18.54
CA VAL A 134 -0.50 17.26 -17.44
C VAL A 134 -0.40 18.76 -17.68
N GLN A 135 0.74 19.20 -18.23
CA GLN A 135 0.97 20.60 -18.54
C GLN A 135 0.03 21.06 -19.66
N VAL A 136 -0.20 20.23 -20.67
CA VAL A 136 -1.10 20.59 -21.77
C VAL A 136 -2.51 20.76 -21.22
N LEU A 137 -2.98 19.74 -20.51
CA LEU A 137 -4.32 19.76 -19.89
C LEU A 137 -4.53 21.04 -19.07
N SER A 138 -3.49 21.43 -18.34
CA SER A 138 -3.53 22.61 -17.49
C SER A 138 -3.47 23.95 -18.23
N THR A 139 -2.42 24.16 -19.01
CA THR A 139 -2.23 25.42 -19.73
C THR A 139 -3.22 25.66 -20.86
N GLU A 140 -3.56 24.60 -21.58
CA GLU A 140 -4.46 24.73 -22.71
C GLU A 140 -5.92 24.46 -22.41
N MET A 141 -6.22 23.58 -21.47
CA MET A 141 -7.62 23.29 -21.16
C MET A 141 -8.10 23.74 -19.79
N GLY A 142 -7.22 24.44 -19.07
CA GLY A 142 -7.57 24.93 -17.75
C GLY A 142 -7.86 23.83 -16.72
N TYR A 143 -7.31 22.64 -16.95
CA TYR A 143 -7.52 21.52 -16.03
C TYR A 143 -6.34 21.49 -15.04
N SER A 144 -6.59 21.96 -13.81
CA SER A 144 -5.57 22.02 -12.78
C SER A 144 -4.94 20.66 -12.43
N PRO A 145 -3.61 20.64 -12.22
CA PRO A 145 -2.90 19.41 -11.87
C PRO A 145 -3.37 18.88 -10.50
N GLU A 146 -4.08 19.72 -9.75
CA GLU A 146 -4.61 19.33 -8.44
C GLU A 146 -5.63 18.22 -8.58
N ASN A 147 -6.21 18.09 -9.78
CA ASN A 147 -7.20 17.05 -10.06
C ASN A 147 -6.53 15.76 -10.49
N VAL A 148 -5.21 15.75 -10.51
CA VAL A 148 -4.45 14.59 -10.98
C VAL A 148 -3.78 13.75 -9.91
N HIS A 149 -3.94 12.44 -10.04
CA HIS A 149 -3.37 11.47 -9.11
C HIS A 149 -2.50 10.55 -9.95
N LEU A 150 -1.23 10.42 -9.59
CA LEU A 150 -0.34 9.53 -10.32
C LEU A 150 -0.02 8.30 -9.45
N ILE A 151 -0.42 7.12 -9.92
CA ILE A 151 -0.15 5.88 -9.20
C ILE A 151 0.94 5.16 -9.98
N GLY A 152 2.09 4.93 -9.33
CA GLY A 152 3.19 4.24 -9.98
C GLY A 152 3.67 3.04 -9.15
N HIS A 153 3.75 1.88 -9.78
CA HIS A 153 4.20 0.66 -9.10
C HIS A 153 5.61 0.30 -9.55
N SER A 154 6.44 -0.21 -8.64
CA SER A 154 7.79 -0.63 -8.99
C SER A 154 8.57 0.52 -9.63
N LEU A 155 9.14 0.28 -10.82
CA LEU A 155 9.89 1.31 -11.51
C LEU A 155 8.94 2.49 -11.80
N GLY A 156 7.65 2.18 -11.93
CA GLY A 156 6.64 3.18 -12.21
C GLY A 156 6.51 4.22 -11.12
N ALA A 157 6.92 3.89 -9.90
CA ALA A 157 6.86 4.85 -8.79
C ALA A 157 7.84 5.98 -9.01
N HIS A 158 8.98 5.67 -9.63
CA HIS A 158 9.97 6.69 -9.91
C HIS A 158 9.58 7.47 -11.17
N VAL A 159 8.87 6.79 -12.07
CA VAL A 159 8.37 7.47 -13.27
C VAL A 159 7.48 8.60 -12.78
N VAL A 160 6.49 8.25 -11.95
CA VAL A 160 5.57 9.27 -11.43
C VAL A 160 6.29 10.28 -10.55
N GLY A 161 7.29 9.85 -9.79
CA GLY A 161 8.04 10.81 -9.01
C GLY A 161 8.71 11.84 -9.90
N GLU A 162 9.23 11.41 -11.05
CA GLU A 162 9.87 12.33 -11.98
C GLU A 162 8.84 13.32 -12.55
N ALA A 163 7.68 12.80 -12.90
CA ALA A 163 6.60 13.64 -13.42
C ALA A 163 6.28 14.73 -12.40
N GLY A 164 6.23 14.35 -11.12
CA GLY A 164 5.95 15.29 -10.06
C GLY A 164 6.98 16.39 -9.91
N ARG A 165 8.25 16.02 -9.97
CA ARG A 165 9.33 16.98 -9.86
C ARG A 165 9.20 18.01 -10.98
N ARG A 166 8.89 17.53 -12.18
CA ARG A 166 8.75 18.40 -13.36
C ARG A 166 7.58 19.36 -13.20
N LEU A 167 6.57 18.91 -12.46
CA LEU A 167 5.39 19.72 -12.19
C LEU A 167 5.60 20.58 -10.93
N GLU A 168 6.85 20.62 -10.46
CA GLU A 168 7.25 21.39 -9.29
C GLU A 168 6.45 21.07 -8.02
N GLY A 169 6.02 19.82 -7.89
CA GLY A 169 5.29 19.37 -6.71
C GLY A 169 3.83 19.77 -6.67
N HIS A 170 3.31 20.30 -7.78
CA HIS A 170 1.90 20.72 -7.81
C HIS A 170 0.85 19.70 -8.21
N VAL A 171 1.28 18.51 -8.59
CA VAL A 171 0.33 17.48 -8.96
C VAL A 171 -0.38 17.13 -7.64
N GLY A 172 -1.67 16.89 -7.72
CA GLY A 172 -2.47 16.61 -6.54
C GLY A 172 -1.96 15.50 -5.63
N ARG A 173 -1.66 14.34 -6.19
CA ARG A 173 -1.21 13.22 -5.38
C ARG A 173 -0.39 12.20 -6.16
N ILE A 174 0.52 11.53 -5.46
CA ILE A 174 1.32 10.45 -6.02
C ILE A 174 1.23 9.31 -5.02
N THR A 175 0.96 8.11 -5.52
CA THR A 175 0.92 6.90 -4.70
C THR A 175 1.99 5.98 -5.25
N GLY A 176 2.96 5.64 -4.42
CA GLY A 176 4.02 4.74 -4.82
C GLY A 176 3.70 3.34 -4.33
N LEU A 177 3.55 2.40 -5.25
CA LEU A 177 3.26 1.02 -4.90
C LEU A 177 4.57 0.23 -4.97
N ASP A 178 5.12 -0.06 -3.80
CA ASP A 178 6.40 -0.77 -3.66
C ASP A 178 7.44 -0.25 -4.65
N PRO A 179 7.89 1.00 -4.46
CA PRO A 179 8.89 1.64 -5.33
C PRO A 179 10.17 0.81 -5.46
N ALA A 180 10.66 0.67 -6.69
CA ALA A 180 11.85 -0.13 -6.94
C ALA A 180 13.08 0.37 -6.20
N GLU A 181 13.79 -0.54 -5.54
CA GLU A 181 14.99 -0.19 -4.80
C GLU A 181 16.24 -0.08 -5.68
N PRO A 182 16.59 -1.14 -6.43
CA PRO A 182 17.78 -1.08 -7.27
C PRO A 182 17.86 0.15 -8.16
N CYS A 183 18.97 0.87 -8.06
CA CYS A 183 19.25 2.08 -8.84
C CYS A 183 18.55 3.36 -8.36
N PHE A 184 17.88 3.30 -7.20
CA PHE A 184 17.17 4.46 -6.68
C PHE A 184 17.34 4.72 -5.17
N GLN A 185 17.18 3.68 -4.36
CA GLN A 185 17.33 3.87 -2.92
C GLN A 185 18.68 4.46 -2.55
N GLY A 186 18.67 5.48 -1.70
CA GLY A 186 19.91 6.10 -1.28
C GLY A 186 20.40 7.29 -2.08
N LEU A 187 19.79 7.50 -3.25
CA LEU A 187 20.16 8.60 -4.13
C LEU A 187 19.45 9.91 -3.74
N PRO A 188 19.93 11.07 -4.24
CA PRO A 188 19.29 12.35 -3.90
C PRO A 188 17.82 12.37 -4.33
N GLU A 189 17.03 13.25 -3.74
CA GLU A 189 15.61 13.33 -4.05
C GLU A 189 15.29 13.63 -5.51
N GLU A 190 16.17 14.37 -6.17
CA GLU A 190 15.96 14.75 -7.57
C GLU A 190 15.79 13.55 -8.51
N VAL A 191 16.42 12.44 -8.17
CA VAL A 191 16.40 11.25 -9.03
C VAL A 191 15.43 10.13 -8.66
N ARG A 192 14.61 10.35 -7.64
CA ARG A 192 13.68 9.32 -7.19
C ARG A 192 12.39 9.92 -6.63
N LEU A 193 11.44 9.05 -6.28
CA LEU A 193 10.20 9.48 -5.67
C LEU A 193 10.56 9.95 -4.27
N ASP A 194 9.95 11.05 -3.81
CA ASP A 194 10.17 11.60 -2.48
C ASP A 194 8.94 12.47 -2.17
N PRO A 195 8.74 12.87 -0.89
CA PRO A 195 7.56 13.68 -0.54
C PRO A 195 7.31 14.99 -1.31
N SER A 196 8.36 15.65 -1.77
CA SER A 196 8.21 16.91 -2.49
C SER A 196 7.68 16.76 -3.91
N ASP A 197 7.56 15.53 -4.39
CA ASP A 197 7.09 15.28 -5.76
C ASP A 197 5.61 15.56 -6.01
N ALA A 198 4.81 15.67 -4.95
CA ALA A 198 3.38 15.93 -5.11
C ALA A 198 2.84 16.62 -3.86
N MET A 199 1.69 17.25 -3.97
CA MET A 199 1.06 17.92 -2.83
C MET A 199 0.87 16.92 -1.69
N PHE A 200 0.69 15.66 -2.07
CA PHE A 200 0.51 14.55 -1.15
C PHE A 200 1.04 13.26 -1.76
N VAL A 201 1.89 12.57 -1.00
CA VAL A 201 2.49 11.33 -1.47
C VAL A 201 2.28 10.18 -0.46
N ASP A 202 1.65 9.09 -0.88
CA ASP A 202 1.44 7.95 0.00
C ASP A 202 2.11 6.72 -0.63
N VAL A 203 2.79 5.96 0.20
CA VAL A 203 3.55 4.80 -0.28
C VAL A 203 3.19 3.53 0.46
N ILE A 204 3.06 2.44 -0.29
CA ILE A 204 2.77 1.14 0.30
C ILE A 204 4.03 0.30 0.06
N HIS A 205 4.65 -0.16 1.15
CA HIS A 205 5.88 -0.98 1.09
C HIS A 205 5.52 -2.44 1.33
N THR A 206 5.84 -3.30 0.36
CA THR A 206 5.52 -4.72 0.48
C THR A 206 6.66 -5.72 0.22
N ASP A 207 7.82 -5.25 -0.24
CA ASP A 207 8.94 -6.16 -0.52
C ASP A 207 10.21 -5.38 -0.22
N SER A 208 10.23 -4.74 0.95
CA SER A 208 11.33 -3.89 1.34
C SER A 208 12.60 -4.52 1.89
N ALA A 209 12.70 -5.84 1.90
CA ALA A 209 13.93 -6.50 2.39
C ALA A 209 15.01 -6.13 1.36
N PRO A 210 16.28 -5.99 1.79
CA PRO A 210 17.31 -5.64 0.80
C PRO A 210 17.36 -6.55 -0.42
N ILE A 211 17.51 -5.96 -1.60
CA ILE A 211 17.58 -6.71 -2.85
C ILE A 211 18.73 -7.74 -2.76
N ILE A 212 19.81 -7.33 -2.12
CA ILE A 212 20.97 -8.19 -1.92
C ILE A 212 21.15 -8.22 -0.39
N PRO A 213 21.08 -9.40 0.24
CA PRO A 213 20.88 -10.75 -0.29
C PRO A 213 19.45 -11.29 -0.30
N TYR A 214 18.49 -10.52 0.17
CA TYR A 214 17.11 -11.00 0.27
C TYR A 214 16.18 -10.99 -0.94
N LEU A 215 16.62 -10.42 -2.06
CA LEU A 215 15.79 -10.36 -3.25
C LEU A 215 14.50 -9.56 -3.03
N GLY A 216 14.57 -8.52 -2.20
CA GLY A 216 13.40 -7.68 -1.98
C GLY A 216 13.48 -6.54 -2.98
N PHE A 217 12.60 -6.53 -3.97
CA PHE A 217 12.64 -5.49 -4.99
C PHE A 217 12.20 -4.08 -4.57
N GLY A 218 11.43 -3.98 -3.48
CA GLY A 218 10.96 -2.67 -3.04
C GLY A 218 11.87 -1.90 -2.10
N MET A 219 11.64 -0.59 -2.00
CA MET A 219 12.44 0.26 -1.12
C MET A 219 12.01 0.15 0.32
N SER A 220 13.00 0.23 1.21
CA SER A 220 12.76 0.20 2.64
C SER A 220 12.76 1.65 3.09
N GLN A 221 13.51 2.49 2.37
CA GLN A 221 13.63 3.91 2.66
C GLN A 221 12.25 4.56 2.49
N LYS A 222 11.93 5.49 3.38
CA LYS A 222 10.65 6.18 3.38
C LYS A 222 10.70 7.32 2.36
N VAL A 223 9.70 7.35 1.48
CA VAL A 223 9.66 8.36 0.42
C VAL A 223 8.33 9.10 0.25
N GLY A 224 7.47 9.07 1.26
CA GLY A 224 6.20 9.75 1.10
C GLY A 224 5.84 10.53 2.33
N HIS A 225 4.68 11.17 2.30
CA HIS A 225 4.20 11.90 3.47
C HIS A 225 3.73 10.78 4.41
N LEU A 226 3.15 9.73 3.84
CA LEU A 226 2.71 8.56 4.60
C LEU A 226 3.40 7.34 4.01
N ASP A 227 4.09 6.58 4.84
CA ASP A 227 4.76 5.37 4.40
C ASP A 227 4.16 4.18 5.14
N PHE A 228 3.30 3.44 4.44
CA PHE A 228 2.62 2.27 4.98
C PHE A 228 3.45 1.01 4.85
N PHE A 229 3.55 0.26 5.94
CA PHE A 229 4.30 -1.00 5.92
C PHE A 229 3.37 -2.12 6.36
N PRO A 230 2.44 -2.52 5.48
CA PRO A 230 1.51 -3.60 5.83
C PRO A 230 2.29 -4.87 6.14
N ASN A 231 1.93 -5.51 7.26
CA ASN A 231 2.56 -6.75 7.69
C ASN A 231 4.07 -6.62 7.97
N GLY A 232 4.55 -5.39 8.16
CA GLY A 232 5.97 -5.19 8.41
C GLY A 232 6.72 -4.66 7.19
N GLY A 233 6.12 -4.83 6.02
CA GLY A 233 6.71 -4.33 4.79
C GLY A 233 7.73 -5.20 4.08
N LYS A 234 8.09 -6.34 4.68
CA LYS A 234 9.11 -7.19 4.08
C LYS A 234 8.60 -8.55 3.63
N GLU A 235 7.68 -9.13 4.40
CA GLU A 235 7.11 -10.43 4.07
C GLU A 235 5.60 -10.36 4.21
N MET A 236 4.89 -10.60 3.11
CA MET A 236 3.44 -10.56 3.11
C MET A 236 2.84 -11.94 3.27
N PRO A 237 1.72 -12.05 4.01
CA PRO A 237 1.05 -13.33 4.22
C PRO A 237 0.57 -13.85 2.87
N GLY A 238 0.79 -15.15 2.60
CA GLY A 238 0.36 -15.75 1.36
C GLY A 238 1.37 -15.74 0.23
N CYS A 239 2.52 -15.09 0.45
CA CYS A 239 3.57 -15.01 -0.54
C CYS A 239 4.79 -15.86 -0.17
N GLN A 240 5.27 -16.64 -1.13
CA GLN A 240 6.45 -17.46 -0.89
C GLN A 240 7.65 -16.51 -0.82
N LYS A 241 8.46 -16.67 0.21
CA LYS A 241 9.64 -15.83 0.37
C LYS A 241 10.64 -16.22 -0.72
N ASN A 242 11.55 -15.31 -1.03
CA ASN A 242 12.57 -15.57 -2.04
C ASN A 242 13.77 -16.26 -1.43
N ILE A 243 14.34 -17.21 -2.15
CA ILE A 243 15.52 -17.93 -1.68
C ILE A 243 16.67 -16.97 -1.46
N LEU A 244 17.24 -16.32 0.00
CA LEU A 244 18.35 -15.53 0.57
C LEU A 244 19.62 -15.76 -0.22
N SER A 245 19.70 -15.59 -1.53
CA SER A 245 20.99 -16.09 -2.08
C SER A 245 21.99 -15.04 -2.83
N THR A 246 22.80 -15.46 -3.87
CA THR A 246 23.96 -14.54 -4.43
C THR A 246 23.62 -13.53 -5.51
N ILE A 247 24.00 -12.27 -5.04
CA ILE A 247 23.63 -11.04 -5.69
C ILE A 247 22.63 -11.51 -6.47
N VAL A 248 21.95 -10.72 -6.78
CA VAL A 248 20.88 -11.10 -7.41
C VAL A 248 21.21 -11.45 -8.87
N ASP A 249 21.21 -10.49 -9.62
CA ASP A 249 21.35 -10.51 -11.05
C ASP A 249 20.11 -9.86 -11.41
N ILE A 250 20.08 -8.77 -10.74
CA ILE A 250 19.06 -7.82 -10.76
C ILE A 250 18.53 -7.67 -12.16
N ASN A 251 19.41 -7.88 -13.09
CA ASN A 251 18.86 -7.81 -14.43
C ASN A 251 18.21 -9.13 -14.85
N GLY A 252 18.79 -10.25 -14.43
CA GLY A 252 18.21 -11.54 -14.76
C GLY A 252 16.83 -11.65 -14.16
N ILE A 253 16.65 -11.03 -12.99
CA ILE A 253 15.36 -11.02 -12.31
C ILE A 253 14.40 -10.18 -13.15
N TRP A 254 14.80 -8.93 -13.39
CA TRP A 254 14.02 -7.97 -14.16
C TRP A 254 13.55 -8.55 -15.50
N GLU A 255 14.47 -9.20 -16.21
CA GLU A 255 14.15 -9.76 -17.52
C GLU A 255 13.63 -11.19 -17.56
N GLY A 256 13.33 -11.75 -16.40
CA GLY A 256 12.78 -13.10 -16.33
C GLY A 256 13.67 -14.29 -16.61
N THR A 257 14.99 -14.12 -16.57
CA THR A 257 15.90 -15.23 -16.81
C THR A 257 16.35 -15.89 -15.50
N GLN A 258 16.05 -15.24 -14.39
CA GLN A 258 16.39 -15.73 -13.06
C GLN A 258 15.11 -15.98 -12.28
N ASN A 259 15.13 -17.00 -11.42
CA ASN A 259 13.98 -17.35 -10.60
C ASN A 259 13.69 -16.23 -9.62
N PHE A 260 12.40 -15.92 -9.45
CA PHE A 260 12.02 -14.86 -8.54
C PHE A 260 10.53 -14.91 -8.28
N VAL A 261 10.15 -14.96 -7.00
CA VAL A 261 8.74 -14.97 -6.66
C VAL A 261 8.36 -13.50 -6.49
N ALA A 262 7.62 -12.98 -7.46
CA ALA A 262 7.20 -11.58 -7.47
C ALA A 262 6.02 -11.27 -6.56
N CYS A 263 5.48 -12.28 -5.90
CA CYS A 263 4.34 -12.12 -5.01
C CYS A 263 4.41 -10.90 -4.07
N ASN A 264 5.46 -10.79 -3.26
CA ASN A 264 5.59 -9.67 -2.33
C ASN A 264 5.61 -8.32 -3.03
N HIS A 265 6.33 -8.23 -4.14
CA HIS A 265 6.46 -6.99 -4.91
C HIS A 265 5.11 -6.56 -5.48
N LEU A 266 4.30 -7.52 -5.92
CA LEU A 266 2.99 -7.24 -6.52
C LEU A 266 1.88 -7.00 -5.50
N ARG A 267 2.08 -7.43 -4.26
CA ARG A 267 1.07 -7.25 -3.23
C ARG A 267 0.66 -5.80 -3.04
N SER A 268 1.60 -4.88 -3.22
CA SER A 268 1.33 -3.45 -3.10
C SER A 268 0.13 -3.07 -3.96
N TYR A 269 0.16 -3.39 -5.26
CA TYR A 269 -0.99 -3.06 -6.10
C TYR A 269 -2.23 -3.92 -5.83
N LYS A 270 -2.04 -5.15 -5.34
CA LYS A 270 -3.16 -6.02 -5.02
C LYS A 270 -3.93 -5.40 -3.84
N TYR A 271 -3.20 -4.88 -2.86
CA TYR A 271 -3.82 -4.24 -1.71
C TYR A 271 -4.49 -2.95 -2.15
N TYR A 272 -3.84 -2.19 -3.05
CA TYR A 272 -4.43 -0.95 -3.51
C TYR A 272 -5.76 -1.25 -4.19
N ALA A 273 -5.76 -2.26 -5.06
CA ALA A 273 -6.96 -2.66 -5.78
C ALA A 273 -8.11 -2.95 -4.81
N SER A 274 -7.85 -3.73 -3.77
CA SER A 274 -8.87 -4.05 -2.79
C SER A 274 -9.31 -2.84 -1.98
N SER A 275 -8.38 -1.96 -1.63
CA SER A 275 -8.68 -0.79 -0.83
C SER A 275 -9.67 0.15 -1.53
N ILE A 276 -9.78 0.02 -2.85
CA ILE A 276 -10.71 0.86 -3.61
C ILE A 276 -12.16 0.55 -3.20
N LEU A 277 -12.45 -0.73 -3.02
CA LEU A 277 -13.79 -1.18 -2.66
C LEU A 277 -13.96 -1.42 -1.15
N ASN A 278 -12.87 -1.75 -0.45
CA ASN A 278 -12.95 -2.05 0.99
C ASN A 278 -11.94 -1.26 1.86
N PRO A 279 -11.98 0.09 1.82
CA PRO A 279 -11.03 0.86 2.62
C PRO A 279 -11.10 0.67 4.14
N ASP A 280 -12.29 0.33 4.63
CA ASP A 280 -12.46 0.13 6.07
C ASP A 280 -11.73 -1.12 6.57
N GLY A 281 -11.31 -1.97 5.63
CA GLY A 281 -10.59 -3.18 5.98
C GLY A 281 -9.09 -2.96 5.98
N PHE A 282 -8.66 -1.72 5.80
CA PHE A 282 -7.24 -1.38 5.76
C PHE A 282 -6.92 -0.16 6.63
N LEU A 283 -7.42 -0.14 7.86
CA LEU A 283 -7.12 1.00 8.73
C LEU A 283 -5.66 0.91 9.15
N GLY A 284 -4.96 2.03 9.03
CA GLY A 284 -3.55 2.06 9.39
C GLY A 284 -3.30 2.82 10.68
N TYR A 285 -2.42 2.29 11.51
CA TYR A 285 -2.09 2.91 12.78
C TYR A 285 -0.69 3.52 12.82
N PRO A 286 -0.58 4.87 12.84
CA PRO A 286 0.73 5.54 12.90
C PRO A 286 1.45 5.05 14.17
N CYS A 287 2.74 4.75 14.07
CA CYS A 287 3.49 4.23 15.20
C CYS A 287 4.99 4.40 14.94
N SER A 288 5.79 4.48 16.00
CA SER A 288 7.23 4.64 15.83
C SER A 288 7.93 3.42 15.22
N SER A 289 7.30 2.25 15.29
CA SER A 289 7.87 1.02 14.74
C SER A 289 6.86 -0.11 14.67
N TYR A 290 7.16 -1.12 13.86
CA TYR A 290 6.30 -2.27 13.70
C TYR A 290 6.30 -3.14 14.95
N GLU A 291 7.45 -3.30 15.58
CA GLU A 291 7.51 -4.13 16.79
C GLU A 291 6.63 -3.49 17.89
N LYS A 292 6.66 -2.17 17.98
CA LYS A 292 5.85 -1.45 18.97
C LYS A 292 4.37 -1.73 18.70
N PHE A 293 3.98 -1.63 17.44
CA PHE A 293 2.62 -1.90 17.01
C PHE A 293 2.24 -3.36 17.35
N GLN A 294 3.13 -4.29 17.05
CA GLN A 294 2.90 -5.70 17.32
C GLN A 294 2.86 -6.01 18.82
N GLN A 295 3.39 -5.10 19.63
CA GLN A 295 3.37 -5.28 21.07
C GLN A 295 2.15 -4.59 21.69
N ASN A 296 1.11 -4.42 20.88
CA ASN A 296 -0.14 -3.84 21.32
C ASN A 296 -0.13 -2.35 21.64
N ASP A 297 0.76 -1.60 21.00
CA ASP A 297 0.84 -0.17 21.22
C ASP A 297 0.27 0.53 19.99
N CYS A 298 0.19 1.86 20.06
CA CYS A 298 -0.32 2.70 18.96
C CYS A 298 -1.75 2.33 18.56
N PHE A 299 -2.57 2.02 19.56
CA PHE A 299 -3.97 1.66 19.36
C PHE A 299 -4.75 2.39 20.47
N PRO A 300 -5.98 2.88 20.18
CA PRO A 300 -6.73 2.78 18.93
C PRO A 300 -6.24 3.88 17.98
N CYS A 301 -7.02 4.18 16.95
CA CYS A 301 -6.63 5.25 16.02
C CYS A 301 -6.40 6.53 16.82
N PRO A 302 -5.44 7.36 16.38
CA PRO A 302 -5.17 8.61 17.09
C PRO A 302 -6.35 9.56 16.90
N GLU A 303 -6.31 10.71 17.56
CA GLU A 303 -7.38 11.70 17.46
C GLU A 303 -7.68 12.16 16.02
N GLU A 304 -6.67 12.12 15.16
CA GLU A 304 -6.85 12.54 13.78
C GLU A 304 -7.46 11.42 12.95
N GLY A 305 -7.76 10.29 13.58
CA GLY A 305 -8.32 9.16 12.87
C GLY A 305 -7.19 8.33 12.28
N CYS A 306 -7.52 7.19 11.71
CA CYS A 306 -6.51 6.34 11.09
C CYS A 306 -6.53 6.53 9.60
N PRO A 307 -5.35 6.68 8.97
CA PRO A 307 -5.36 6.84 7.51
C PRO A 307 -5.76 5.47 6.99
N LYS A 308 -6.53 5.42 5.92
CA LYS A 308 -6.94 4.16 5.36
C LYS A 308 -5.92 3.90 4.27
N MET A 309 -5.23 2.78 4.34
CA MET A 309 -4.21 2.51 3.34
C MET A 309 -4.84 2.34 1.96
N GLY A 310 -4.16 2.86 0.96
CA GLY A 310 -4.67 2.73 -0.38
C GLY A 310 -5.43 3.92 -0.92
N HIS A 311 -6.44 3.59 -1.70
CA HIS A 311 -7.27 4.56 -2.39
C HIS A 311 -7.73 5.76 -1.56
N TYR A 312 -8.27 5.50 -0.37
CA TYR A 312 -8.78 6.57 0.49
C TYR A 312 -7.82 7.22 1.47
N ALA A 313 -6.51 7.02 1.27
CA ALA A 313 -5.53 7.64 2.15
C ALA A 313 -5.61 9.15 2.10
N ASP A 314 -6.11 9.69 0.99
CA ASP A 314 -6.19 11.14 0.87
C ASP A 314 -7.19 11.77 1.85
N GLN A 315 -8.03 10.93 2.45
CA GLN A 315 -9.00 11.44 3.43
C GLN A 315 -8.38 11.68 4.81
N PHE A 316 -7.17 11.16 5.02
CA PHE A 316 -6.50 11.32 6.31
C PHE A 316 -6.21 12.76 6.68
N GLU A 317 -6.74 13.16 7.83
CA GLU A 317 -6.56 14.51 8.36
C GLU A 317 -5.10 14.98 8.45
N GLY A 318 -4.21 14.15 8.97
CA GLY A 318 -2.82 14.56 9.08
C GLY A 318 -1.92 14.07 7.94
N LYS A 319 -2.51 13.85 6.78
CA LYS A 319 -1.75 13.35 5.63
C LYS A 319 -0.48 14.10 5.25
N THR A 320 -0.45 15.42 5.40
CA THR A 320 0.74 16.20 5.06
C THR A 320 1.28 17.01 6.23
N ALA A 321 0.90 16.64 7.45
CA ALA A 321 1.36 17.37 8.63
C ALA A 321 2.88 17.28 8.75
N THR A 322 3.45 16.14 8.35
CA THR A 322 4.89 15.91 8.36
C THR A 322 5.19 14.90 7.23
N VAL A 323 6.45 14.53 7.07
CA VAL A 323 6.82 13.57 6.04
C VAL A 323 7.32 12.28 6.67
N GLU A 324 7.27 11.20 5.91
CA GLU A 324 7.77 9.91 6.35
C GLU A 324 7.06 9.36 7.58
N GLN A 325 5.75 9.61 7.66
CA GLN A 325 4.98 9.10 8.79
C GLN A 325 4.83 7.61 8.62
N THR A 326 5.33 6.82 9.58
CA THR A 326 5.23 5.37 9.50
C THR A 326 3.89 4.88 9.97
N VAL A 327 3.22 4.12 9.11
CA VAL A 327 1.90 3.61 9.40
C VAL A 327 1.88 2.09 9.25
N TYR A 328 1.37 1.41 10.27
CA TYR A 328 1.33 -0.05 10.26
C TYR A 328 -0.06 -0.65 10.38
N LEU A 329 -0.16 -1.87 9.88
CA LEU A 329 -1.39 -2.65 9.88
C LEU A 329 -1.05 -4.03 9.34
N ASN A 330 -1.90 -5.02 9.62
CA ASN A 330 -1.70 -6.38 9.13
C ASN A 330 -2.85 -6.70 8.19
N THR A 331 -2.61 -7.58 7.23
CA THR A 331 -3.64 -7.97 6.27
C THR A 331 -3.79 -9.48 6.19
N GLY A 332 -4.80 -9.90 5.44
CA GLY A 332 -5.08 -11.31 5.22
C GLY A 332 -4.11 -11.83 4.17
N ASP A 333 -4.12 -13.13 3.93
CA ASP A 333 -3.24 -13.75 2.95
C ASP A 333 -3.83 -14.00 1.57
N SER A 334 -5.11 -13.65 1.38
CA SER A 334 -5.79 -13.86 0.10
C SER A 334 -7.12 -13.11 0.05
N GLY A 335 -7.83 -13.28 -1.06
CA GLY A 335 -9.11 -12.61 -1.23
C GLY A 335 -8.98 -11.11 -1.15
N ASN A 336 -9.79 -10.51 -0.28
CA ASN A 336 -9.79 -9.06 -0.09
C ASN A 336 -8.64 -8.52 0.75
N PHE A 337 -7.95 -9.41 1.46
CA PHE A 337 -6.81 -9.04 2.32
C PHE A 337 -7.19 -8.18 3.53
N THR A 338 -8.48 -7.89 3.72
CA THR A 338 -8.95 -7.04 4.79
C THR A 338 -8.84 -7.60 6.22
N ARG A 339 -8.65 -6.70 7.19
CA ARG A 339 -8.55 -7.05 8.61
C ARG A 339 -9.13 -5.88 9.41
N TRP A 340 -9.63 -6.19 10.60
CA TRP A 340 -10.19 -5.18 11.51
C TRP A 340 -9.53 -5.44 12.85
N ARG A 341 -8.74 -4.48 13.31
CA ARG A 341 -8.01 -4.64 14.57
C ARG A 341 -8.85 -4.27 15.77
N TYR A 342 -8.76 -5.08 16.82
CA TYR A 342 -9.50 -4.85 18.06
C TYR A 342 -8.57 -5.10 19.25
N LYS A 343 -8.62 -4.24 20.26
CA LYS A 343 -7.82 -4.44 21.46
C LYS A 343 -8.71 -5.17 22.45
N VAL A 344 -8.31 -6.38 22.84
CA VAL A 344 -9.10 -7.19 23.76
C VAL A 344 -8.41 -7.29 25.11
N SER A 345 -9.14 -6.95 26.17
CA SER A 345 -8.63 -7.02 27.53
C SER A 345 -9.50 -8.00 28.31
N VAL A 346 -8.85 -8.94 29.01
CA VAL A 346 -9.57 -9.97 29.76
C VAL A 346 -9.11 -10.01 31.22
N THR A 347 -10.05 -9.98 32.16
CA THR A 347 -9.72 -10.07 33.57
C THR A 347 -10.21 -11.47 33.96
N LEU A 348 -9.29 -12.31 34.40
CA LEU A 348 -9.63 -13.68 34.74
C LEU A 348 -10.34 -13.79 36.09
N SER A 349 -11.08 -14.87 36.25
CA SER A 349 -11.81 -15.13 37.48
C SER A 349 -11.76 -16.63 37.75
N GLY A 350 -11.86 -17.01 39.02
CA GLY A 350 -11.83 -18.42 39.33
C GLY A 350 -11.25 -18.64 40.71
N ALA A 351 -11.15 -19.90 41.10
CA ALA A 351 -10.62 -20.27 42.41
C ALA A 351 -9.21 -20.86 42.36
N LYS A 352 -8.77 -21.34 41.20
CA LYS A 352 -7.45 -21.96 41.08
C LYS A 352 -6.55 -21.33 40.02
N LYS A 353 -5.26 -21.34 40.29
CA LYS A 353 -4.28 -20.82 39.34
C LYS A 353 -4.07 -21.99 38.40
N LEU A 354 -4.03 -21.72 37.10
CA LEU A 354 -3.87 -22.79 36.13
C LEU A 354 -2.79 -22.47 35.09
N SER A 355 -2.58 -23.41 34.18
CA SER A 355 -1.62 -23.27 33.09
C SER A 355 -2.41 -23.52 31.82
N GLY A 356 -2.24 -22.65 30.83
CA GLY A 356 -2.95 -22.86 29.58
C GLY A 356 -3.01 -21.66 28.65
N TYR A 357 -4.04 -21.67 27.81
CA TYR A 357 -4.27 -20.63 26.83
C TYR A 357 -5.69 -20.08 27.00
N ILE A 358 -5.84 -18.77 26.83
CA ILE A 358 -7.16 -18.13 26.91
C ILE A 358 -7.44 -17.52 25.53
N LEU A 359 -8.66 -17.72 25.05
CA LEU A 359 -9.09 -17.23 23.75
C LEU A 359 -10.42 -16.49 23.87
N VAL A 360 -10.67 -15.58 22.94
CA VAL A 360 -11.90 -14.77 22.92
C VAL A 360 -12.49 -14.70 21.51
N ALA A 361 -13.81 -14.83 21.40
CA ALA A 361 -14.51 -14.73 20.12
C ALA A 361 -15.50 -13.57 20.26
N LEU A 362 -15.63 -12.76 19.21
CA LEU A 362 -16.51 -11.58 19.21
C LEU A 362 -17.81 -11.84 18.46
N TYR A 363 -18.92 -11.37 19.01
CA TYR A 363 -20.23 -11.55 18.39
C TYR A 363 -20.91 -10.20 18.23
N GLY A 364 -21.27 -9.87 17.00
CA GLY A 364 -21.93 -8.60 16.74
C GLY A 364 -23.07 -8.71 15.74
N ASN A 365 -23.70 -7.58 15.44
CA ASN A 365 -24.83 -7.59 14.52
C ASN A 365 -24.46 -7.90 13.08
N ASN A 366 -23.18 -7.78 12.77
CA ASN A 366 -22.68 -8.05 11.43
C ASN A 366 -22.20 -9.51 11.31
N GLY A 367 -22.18 -10.22 12.44
CA GLY A 367 -21.72 -11.61 12.45
C GLY A 367 -20.72 -11.85 13.56
N ASN A 368 -20.14 -13.05 13.62
CA ASN A 368 -19.17 -13.36 14.67
C ASN A 368 -17.81 -13.78 14.15
N SER A 369 -16.81 -13.66 15.02
CA SER A 369 -15.44 -14.01 14.67
C SER A 369 -15.10 -15.40 15.16
N LYS A 370 -13.89 -15.84 14.80
CA LYS A 370 -13.36 -17.12 15.22
C LYS A 370 -12.74 -16.80 16.60
N GLN A 371 -12.18 -17.80 17.26
CA GLN A 371 -11.56 -17.58 18.56
C GLN A 371 -10.10 -17.14 18.37
N TYR A 372 -9.67 -16.13 19.12
CA TYR A 372 -8.30 -15.60 19.05
C TYR A 372 -7.56 -15.75 20.39
N GLU A 373 -6.31 -16.23 20.33
CA GLU A 373 -5.53 -16.40 21.56
C GLU A 373 -5.15 -15.03 22.11
N ILE A 374 -5.43 -14.80 23.38
CA ILE A 374 -5.10 -13.52 24.00
C ILE A 374 -3.84 -13.65 24.87
N PHE A 375 -3.67 -14.81 25.49
CA PHE A 375 -2.52 -15.04 26.37
C PHE A 375 -2.32 -16.53 26.62
N LYS A 376 -1.08 -16.90 26.90
CA LYS A 376 -0.75 -18.29 27.20
C LYS A 376 0.35 -18.29 28.26
N GLY A 377 0.19 -19.13 29.27
CA GLY A 377 1.15 -19.22 30.36
C GLY A 377 0.38 -19.48 31.64
N SER A 378 0.81 -18.92 32.76
CA SER A 378 0.09 -19.13 34.01
C SER A 378 -1.18 -18.26 34.00
N LEU A 379 -2.30 -18.89 34.31
CA LEU A 379 -3.60 -18.22 34.32
C LEU A 379 -4.05 -18.00 35.77
N LYS A 380 -3.84 -16.80 36.26
CA LYS A 380 -4.21 -16.45 37.64
C LYS A 380 -5.51 -15.65 37.76
N PRO A 381 -6.45 -16.12 38.59
CA PRO A 381 -7.68 -15.35 38.75
C PRO A 381 -7.32 -13.94 39.18
N GLU A 382 -8.05 -12.95 38.67
CA GLU A 382 -7.85 -11.53 38.94
C GLU A 382 -6.74 -10.87 38.12
N ALA A 383 -6.00 -11.66 37.33
CA ALA A 383 -4.94 -11.10 36.48
C ALA A 383 -5.63 -10.59 35.22
N ARG A 384 -5.09 -9.53 34.62
CA ARG A 384 -5.66 -8.97 33.40
C ARG A 384 -4.65 -9.11 32.27
N HIS A 385 -5.13 -9.46 31.09
CA HIS A 385 -4.29 -9.67 29.90
C HIS A 385 -4.87 -8.90 28.72
N VAL A 386 -3.99 -8.37 27.87
CA VAL A 386 -4.42 -7.58 26.70
C VAL A 386 -3.67 -8.01 25.43
N ARG A 387 -4.40 -8.10 24.32
CA ARG A 387 -3.81 -8.40 23.01
C ARG A 387 -4.65 -7.74 21.93
N ASP A 388 -3.98 -7.15 20.94
CA ASP A 388 -4.67 -6.52 19.84
C ASP A 388 -4.68 -7.58 18.75
N ILE A 389 -5.87 -7.92 18.31
CA ILE A 389 -6.06 -8.97 17.31
C ILE A 389 -6.60 -8.44 15.99
N ASP A 390 -6.09 -9.01 14.90
CA ASP A 390 -6.52 -8.60 13.58
C ASP A 390 -7.55 -9.61 13.13
N VAL A 391 -8.82 -9.22 13.26
CA VAL A 391 -9.94 -10.08 12.91
C VAL A 391 -10.24 -10.02 11.42
N ASP A 392 -10.70 -11.14 10.88
CA ASP A 392 -11.00 -11.23 9.45
C ASP A 392 -12.42 -10.84 9.06
N ILE A 393 -13.11 -10.16 9.97
CA ILE A 393 -14.49 -9.74 9.72
C ILE A 393 -14.79 -8.52 10.59
N ASN A 394 -15.74 -7.71 10.15
CA ASN A 394 -16.14 -6.55 10.93
C ASN A 394 -17.44 -7.03 11.55
N VAL A 395 -17.40 -7.26 12.86
CA VAL A 395 -18.57 -7.75 13.60
C VAL A 395 -19.64 -6.68 13.80
N GLY A 396 -19.27 -5.41 13.56
CA GLY A 396 -20.21 -4.33 13.73
C GLY A 396 -20.38 -4.01 15.20
N GLU A 397 -21.61 -3.76 15.63
CA GLU A 397 -21.86 -3.45 17.03
C GLU A 397 -21.63 -4.76 17.79
N ILE A 398 -20.65 -4.78 18.68
CA ILE A 398 -20.34 -5.98 19.44
C ILE A 398 -21.41 -6.12 20.53
N GLN A 399 -22.19 -7.19 20.43
CA GLN A 399 -23.29 -7.44 21.36
C GLN A 399 -22.95 -8.41 22.50
N LYS A 400 -21.94 -9.26 22.28
CA LYS A 400 -21.48 -10.19 23.30
C LYS A 400 -20.16 -10.80 22.87
N VAL A 401 -19.44 -11.39 23.82
CA VAL A 401 -18.15 -12.04 23.55
C VAL A 401 -18.17 -13.39 24.24
N LYS A 402 -17.29 -14.29 23.81
CA LYS A 402 -17.20 -15.60 24.42
C LYS A 402 -15.74 -15.85 24.79
N PHE A 403 -15.56 -16.43 25.98
CA PHE A 403 -14.25 -16.74 26.52
C PHE A 403 -14.08 -18.26 26.51
N LEU A 404 -12.86 -18.72 26.28
CA LEU A 404 -12.58 -20.15 26.22
C LEU A 404 -11.16 -20.37 26.71
N TRP A 405 -10.92 -21.47 27.41
CA TRP A 405 -9.56 -21.73 27.87
C TRP A 405 -9.19 -23.20 27.67
N ASN A 406 -7.90 -23.46 27.56
CA ASN A 406 -7.42 -24.83 27.40
C ASN A 406 -5.95 -24.96 27.79
N ASN A 407 -5.43 -26.17 27.71
CA ASN A 407 -4.02 -26.41 28.07
C ASN A 407 -3.19 -26.88 26.87
N ARG A 414 -11.04 -31.57 37.24
CA ARG A 414 -11.94 -30.77 36.36
C ARG A 414 -11.94 -29.31 36.79
N PRO A 415 -10.80 -28.62 36.60
CA PRO A 415 -10.69 -27.21 36.98
C PRO A 415 -11.57 -26.30 36.12
N THR A 416 -11.91 -25.13 36.64
CA THR A 416 -12.73 -24.17 35.93
C THR A 416 -12.05 -22.82 35.99
N LEU A 417 -12.30 -22.01 34.98
CA LEU A 417 -11.72 -20.68 34.90
C LEU A 417 -12.71 -19.83 34.11
N GLY A 418 -12.65 -18.53 34.29
CA GLY A 418 -13.54 -17.66 33.55
C GLY A 418 -12.95 -16.27 33.42
N ALA A 419 -13.72 -15.39 32.79
CA ALA A 419 -13.33 -14.01 32.64
C ALA A 419 -14.51 -13.30 33.31
N SER A 420 -14.23 -12.43 34.27
CA SER A 420 -15.30 -11.71 34.95
C SER A 420 -15.70 -10.50 34.09
N GLN A 421 -14.73 -9.97 33.34
CA GLN A 421 -14.95 -8.83 32.47
C GLN A 421 -13.98 -8.85 31.30
N ILE A 422 -14.50 -8.48 30.13
CA ILE A 422 -13.69 -8.39 28.92
C ILE A 422 -14.07 -7.08 28.23
N THR A 423 -13.07 -6.31 27.84
CA THR A 423 -13.27 -5.03 27.16
C THR A 423 -12.76 -5.25 25.73
N VAL A 424 -13.48 -4.74 24.74
CA VAL A 424 -13.07 -4.86 23.34
C VAL A 424 -13.19 -3.45 22.79
N GLN A 425 -12.09 -2.91 22.27
CA GLN A 425 -12.08 -1.56 21.74
C GLN A 425 -11.90 -1.62 20.24
N SER A 426 -12.73 -0.89 19.51
CA SER A 426 -12.62 -0.87 18.05
C SER A 426 -11.61 0.23 17.70
N GLY A 427 -10.79 -0.01 16.69
CA GLY A 427 -9.81 0.99 16.31
C GLY A 427 -10.28 2.30 15.73
N VAL A 428 -11.25 2.26 14.82
CA VAL A 428 -11.76 3.44 14.12
C VAL A 428 -12.09 4.66 14.97
N ASP A 429 -12.63 4.45 16.17
CA ASP A 429 -13.00 5.55 17.06
C ASP A 429 -12.67 5.35 18.54
N GLY A 430 -11.99 4.25 18.86
CA GLY A 430 -11.62 4.00 20.25
C GLY A 430 -12.77 3.59 21.14
N LYS A 431 -13.90 3.23 20.53
CA LYS A 431 -15.10 2.81 21.26
C LYS A 431 -14.85 1.54 22.07
N GLU A 432 -15.09 1.64 23.38
CA GLU A 432 -14.90 0.50 24.26
C GLU A 432 -16.21 -0.18 24.60
N TYR A 433 -16.26 -1.49 24.38
CA TYR A 433 -17.43 -2.30 24.67
C TYR A 433 -17.01 -3.19 25.85
N ASN A 434 -17.84 -3.23 26.89
CA ASN A 434 -17.54 -4.05 28.06
C ASN A 434 -18.54 -5.16 28.23
N PHE A 435 -18.05 -6.31 28.66
CA PHE A 435 -18.89 -7.48 28.86
C PHE A 435 -18.54 -8.08 30.22
N CYS A 436 -19.52 -8.66 30.88
CA CYS A 436 -19.31 -9.19 32.22
C CYS A 436 -19.97 -10.56 32.43
N SER A 437 -19.46 -11.30 33.41
CA SER A 437 -19.99 -12.61 33.75
C SER A 437 -19.48 -12.98 35.14
N SER A 438 -20.28 -13.77 35.84
CA SER A 438 -19.92 -14.22 37.18
C SER A 438 -19.64 -15.71 37.17
N ASP A 439 -19.62 -16.31 35.98
CA ASP A 439 -19.40 -17.75 35.84
C ASP A 439 -17.96 -18.16 35.50
N THR A 440 -17.74 -19.47 35.55
CA THR A 440 -16.46 -20.08 35.21
C THR A 440 -16.85 -21.34 34.46
N VAL A 441 -16.00 -21.80 33.56
CA VAL A 441 -16.28 -22.98 32.78
C VAL A 441 -15.12 -23.96 32.77
N ARG A 442 -15.42 -25.19 32.39
CA ARG A 442 -14.43 -26.25 32.27
C ARG A 442 -13.62 -25.87 31.03
N GLU A 443 -12.53 -26.59 30.81
CA GLU A 443 -11.68 -26.33 29.66
C GLU A 443 -12.46 -26.67 28.39
N ASP A 444 -12.17 -25.96 27.31
CA ASP A 444 -12.80 -26.21 26.02
C ASP A 444 -14.32 -26.00 25.96
N VAL A 445 -14.83 -25.14 26.83
CA VAL A 445 -16.25 -24.80 26.89
C VAL A 445 -16.36 -23.28 26.74
N LEU A 446 -17.29 -22.81 25.92
CA LEU A 446 -17.47 -21.39 25.69
C LEU A 446 -18.28 -20.69 26.79
N GLN A 447 -17.71 -19.63 27.37
CA GLN A 447 -18.38 -18.85 28.39
C GLN A 447 -18.87 -17.57 27.70
N SER A 448 -20.16 -17.29 27.79
CA SER A 448 -20.68 -16.07 27.17
C SER A 448 -20.63 -14.91 28.17
N LEU A 449 -20.26 -13.74 27.70
CA LEU A 449 -20.21 -12.53 28.52
C LEU A 449 -21.10 -11.50 27.84
N TYR A 450 -21.97 -10.89 28.63
CA TYR A 450 -22.94 -9.93 28.12
C TYR A 450 -22.64 -8.48 28.51
N PRO A 451 -23.23 -7.51 27.78
CA PRO A 451 -23.03 -6.07 28.02
C PRO A 451 -23.09 -5.60 29.47
N CYS A 452 -22.13 -4.76 29.83
CA CYS A 452 -22.04 -4.18 31.17
C CYS A 452 -21.25 -2.90 31.08
#